data_6QRA
#
_entry.id   6QRA
#
_cell.length_a   74.134
_cell.length_b   79.218
_cell.length_c   85.635
_cell.angle_alpha   90.000
_cell.angle_beta   90.000
_cell.angle_gamma   90.000
#
_symmetry.space_group_name_H-M   'P 21 21 21'
#
loop_
_entity.id
_entity.type
_entity.pdbx_description
1 polymer 'tRNA (guanine-N(1)-)-methyltransferase'
2 non-polymer 3-[1-[[4-(piperidin-1-ylmethyl)phenyl]methyl]indol-6-yl]-1~{H}-pyrazol-5-amine
3 non-polymer 'SULFATE ION'
4 water water
#
_entity_poly.entity_id   1
_entity_poly.type   'polypeptide(L)'
_entity_poly.pdbx_seq_one_letter_code
;GSMKIDVVTIFPEYLQPVRQSLPGKAIDAGLVDVAVHDLRRWTHDVHKSVDDSPYGGGPGMVMKPTVWGDALDEICTSET
LLVVPTPAGYPFTQETAWQWSTEDHLVIACGRYEGIDQRVADDAATRMRVREVSIGDYVLNGGEAAALVIIEAVLRLVPG
VLGNALSAQEDSHSEGMASLLEGPSYTRPPSWRGMDVPPVLLSGDHAKIAAWRAEQSRQRTIERRPDLLGFDSPTGEHGG
DGLS
;
_entity_poly.pdbx_strand_id   A,B
#
loop_
_chem_comp.id
_chem_comp.type
_chem_comp.name
_chem_comp.formula
JDK non-polymer 3-[1-[[4-(piperidin-1-ylmethyl)phenyl]methyl]indol-6-yl]-1~{H}-pyrazol-5-amine 'C24 H27 N5'
SO4 non-polymer 'SULFATE ION' 'O4 S -2'
#
# COMPACT_ATOMS: atom_id res chain seq x y z
N SER A 2 -3.31 5.71 -23.19
CA SER A 2 -4.61 5.27 -22.68
C SER A 2 -4.50 3.94 -21.95
N MET A 3 -5.18 3.83 -20.81
CA MET A 3 -5.18 2.60 -20.04
C MET A 3 -6.55 2.33 -19.42
N LYS A 4 -6.99 1.08 -19.53
CA LYS A 4 -8.18 0.63 -18.84
C LYS A 4 -7.76 -0.20 -17.64
N ILE A 5 -8.35 0.07 -16.49
CA ILE A 5 -8.12 -0.76 -15.30
C ILE A 5 -9.44 -1.34 -14.83
N ASP A 6 -9.52 -2.66 -14.75
CA ASP A 6 -10.67 -3.34 -14.17
C ASP A 6 -10.28 -3.94 -12.82
N VAL A 7 -11.06 -3.68 -11.78
CA VAL A 7 -10.78 -4.25 -10.47
C VAL A 7 -11.93 -5.18 -10.07
N VAL A 8 -11.61 -6.40 -9.63
CA VAL A 8 -12.64 -7.36 -9.21
C VAL A 8 -12.51 -7.65 -7.72
N THR A 9 -13.61 -7.55 -6.99
CA THR A 9 -13.55 -7.55 -5.52
C THR A 9 -14.91 -7.92 -4.96
N ILE A 10 -14.95 -8.46 -3.75
CA ILE A 10 -16.23 -8.63 -3.08
C ILE A 10 -16.63 -7.38 -2.29
N PHE A 11 -15.74 -6.38 -2.26
CA PHE A 11 -16.04 -5.09 -1.64
C PHE A 11 -15.82 -3.93 -2.61
N PRO A 12 -16.71 -3.78 -3.59
CA PRO A 12 -16.48 -2.74 -4.62
C PRO A 12 -16.43 -1.33 -4.05
N GLU A 13 -17.09 -1.10 -2.92
CA GLU A 13 -17.11 0.22 -2.32
C GLU A 13 -15.71 0.66 -1.88
N TYR A 14 -14.83 -0.30 -1.62
CA TYR A 14 -13.47 0.00 -1.17
C TYR A 14 -12.73 0.84 -2.20
N LEU A 15 -13.08 0.66 -3.47
CA LEU A 15 -12.35 1.31 -4.55
C LEU A 15 -13.00 2.61 -4.99
N GLN A 16 -14.10 2.99 -4.33
CA GLN A 16 -14.80 4.22 -4.65
C GLN A 16 -13.94 5.51 -4.53
N PRO A 17 -13.10 5.60 -3.47
CA PRO A 17 -12.19 6.76 -3.40
C PRO A 17 -11.36 7.00 -4.65
N VAL A 18 -10.62 5.99 -5.08
CA VAL A 18 -9.67 6.17 -6.19
C VAL A 18 -10.39 6.45 -7.52
N ARG A 19 -11.58 5.89 -7.71
CA ARG A 19 -12.35 6.17 -8.91
C ARG A 19 -12.73 7.65 -8.97
N GLN A 20 -13.19 8.18 -7.85
CA GLN A 20 -13.57 9.58 -7.74
C GLN A 20 -12.39 10.50 -7.98
N SER A 21 -11.22 10.09 -7.48
CA SER A 21 -10.02 10.91 -7.52
C SER A 21 -9.41 11.08 -8.93
N LEU A 22 -10.08 10.53 -9.94
CA LEU A 22 -9.61 10.71 -11.31
C LEU A 22 -10.08 12.05 -11.85
N PRO A 23 -9.13 12.85 -12.37
CA PRO A 23 -9.48 14.13 -13.01
C PRO A 23 -10.38 13.92 -14.22
N GLY A 24 -11.44 14.71 -14.34
CA GLY A 24 -12.37 14.59 -15.44
C GLY A 24 -11.74 14.72 -16.81
N LYS A 25 -10.70 15.54 -16.91
CA LYS A 25 -10.01 15.78 -18.17
C LYS A 25 -9.37 14.50 -18.73
N ALA A 26 -8.82 13.68 -17.84
CA ALA A 26 -8.20 12.42 -18.25
C ALA A 26 -9.26 11.42 -18.74
N ILE A 27 -10.41 11.43 -18.08
CA ILE A 27 -11.52 10.57 -18.45
C ILE A 27 -12.13 11.02 -19.77
N ASP A 28 -12.40 12.33 -19.87
CA ASP A 28 -12.95 12.91 -21.09
C ASP A 28 -12.04 12.70 -22.29
N ALA A 29 -10.73 12.70 -22.05
CA ALA A 29 -9.77 12.49 -23.12
C ALA A 29 -9.65 11.02 -23.49
N GLY A 30 -10.30 10.16 -22.71
CA GLY A 30 -10.18 8.73 -22.91
C GLY A 30 -8.78 8.24 -22.57
N LEU A 31 -8.14 8.91 -21.63
CA LEU A 31 -6.80 8.56 -21.20
C LEU A 31 -6.81 7.41 -20.22
N VAL A 32 -7.87 7.33 -19.43
CA VAL A 32 -7.94 6.37 -18.36
C VAL A 32 -9.39 6.02 -18.04
N ASP A 33 -9.63 4.76 -17.68
CA ASP A 33 -10.93 4.32 -17.22
C ASP A 33 -10.71 3.26 -16.17
N VAL A 34 -11.27 3.48 -14.98
CA VAL A 34 -11.17 2.52 -13.89
C VAL A 34 -12.56 1.99 -13.60
N ALA A 35 -12.76 0.70 -13.80
CA ALA A 35 -14.04 0.06 -13.54
C ALA A 35 -13.90 -0.96 -12.41
N VAL A 36 -14.91 -1.05 -11.56
CA VAL A 36 -14.88 -1.92 -10.40
C VAL A 36 -16.04 -2.90 -10.49
N HIS A 37 -15.74 -4.19 -10.33
CA HIS A 37 -16.72 -5.25 -10.47
C HIS A 37 -16.90 -6.06 -9.19
N ASP A 38 -18.15 -6.32 -8.83
CA ASP A 38 -18.46 -7.18 -7.71
C ASP A 38 -18.30 -8.64 -8.13
N LEU A 39 -17.39 -9.35 -7.48
CA LEU A 39 -17.13 -10.75 -7.83
C LEU A 39 -18.37 -11.63 -7.74
N ARG A 40 -19.30 -11.26 -6.86
CA ARG A 40 -20.46 -12.12 -6.65
C ARG A 40 -21.39 -12.13 -7.87
N ARG A 41 -21.15 -11.23 -8.81
CA ARG A 41 -21.86 -11.26 -10.10
C ARG A 41 -21.67 -12.61 -10.82
N TRP A 42 -20.53 -13.25 -10.56
CA TRP A 42 -20.20 -14.50 -11.24
C TRP A 42 -20.36 -15.75 -10.37
N THR A 43 -21.07 -15.62 -9.24
CA THR A 43 -21.36 -16.80 -8.44
C THR A 43 -22.44 -17.66 -9.10
N HIS A 44 -22.49 -18.92 -8.69
CA HIS A 44 -23.34 -19.92 -9.34
C HIS A 44 -24.54 -20.34 -8.52
N ASP A 45 -24.53 -20.02 -7.24
CA ASP A 45 -25.52 -20.57 -6.34
C ASP A 45 -26.36 -19.47 -5.72
N VAL A 46 -27.49 -19.85 -5.14
CA VAL A 46 -28.39 -18.88 -4.57
C VAL A 46 -27.73 -18.14 -3.40
N HIS A 47 -26.75 -18.76 -2.77
CA HIS A 47 -26.09 -18.18 -1.59
C HIS A 47 -24.91 -17.28 -1.97
N LYS A 48 -24.66 -17.16 -3.27
CA LYS A 48 -23.60 -16.30 -3.81
C LYS A 48 -22.27 -16.59 -3.16
N SER A 49 -21.95 -17.88 -3.10
CA SER A 49 -20.74 -18.35 -2.42
C SER A 49 -19.47 -18.02 -3.20
N VAL A 50 -18.49 -17.41 -2.52
CA VAL A 50 -17.19 -17.18 -3.16
C VAL A 50 -16.05 -17.91 -2.46
N ASP A 51 -16.34 -18.57 -1.33
CA ASP A 51 -15.29 -19.19 -0.52
C ASP A 51 -15.65 -20.62 -0.10
N ASP A 52 -14.62 -21.41 0.23
CA ASP A 52 -14.81 -22.81 0.59
C ASP A 52 -13.62 -23.27 1.42
N SER A 53 -13.74 -24.41 2.08
CA SER A 53 -12.67 -24.86 2.98
C SER A 53 -11.43 -25.32 2.23
N PRO A 54 -10.24 -25.09 2.82
CA PRO A 54 -9.02 -25.43 2.10
C PRO A 54 -8.72 -26.91 2.11
N TYR A 55 -8.29 -27.44 0.97
CA TYR A 55 -7.82 -28.81 0.93
C TYR A 55 -6.56 -28.94 1.79
N GLY A 56 -6.49 -30.03 2.55
CA GLY A 56 -5.32 -30.28 3.37
C GLY A 56 -5.55 -29.71 4.74
N GLY A 57 -6.68 -29.04 4.90
CA GLY A 57 -7.06 -28.47 6.17
C GLY A 57 -6.36 -27.15 6.43
N GLY A 58 -6.50 -26.67 7.65
CA GLY A 58 -5.93 -25.39 8.02
C GLY A 58 -7.04 -24.43 8.33
N PRO A 59 -6.69 -23.24 8.83
CA PRO A 59 -7.72 -22.27 9.18
C PRO A 59 -8.15 -21.46 7.98
N GLY A 60 -9.21 -20.68 8.17
CA GLY A 60 -9.67 -19.77 7.14
C GLY A 60 -10.25 -20.48 5.94
N MET A 61 -10.62 -19.68 4.95
CA MET A 61 -11.27 -20.19 3.76
C MET A 61 -10.46 -19.79 2.54
N VAL A 62 -10.72 -20.43 1.41
CA VAL A 62 -10.00 -20.15 0.17
C VAL A 62 -11.05 -19.75 -0.86
N MET A 63 -10.77 -18.75 -1.69
CA MET A 63 -11.78 -18.36 -2.69
C MET A 63 -11.88 -19.39 -3.81
N LYS A 64 -13.12 -19.66 -4.22
CA LYS A 64 -13.42 -20.68 -5.24
C LYS A 64 -12.87 -20.36 -6.62
N PRO A 65 -12.24 -21.34 -7.27
CA PRO A 65 -11.73 -21.11 -8.62
C PRO A 65 -12.84 -20.95 -9.66
N THR A 66 -13.96 -21.64 -9.45
CA THR A 66 -15.01 -21.60 -10.47
C THR A 66 -15.57 -20.19 -10.68
N VAL A 67 -15.72 -19.45 -9.60
CA VAL A 67 -16.26 -18.09 -9.65
C VAL A 67 -15.24 -17.13 -10.29
N TRP A 68 -14.01 -17.18 -9.80
CA TRP A 68 -12.96 -16.37 -10.38
C TRP A 68 -12.73 -16.69 -11.85
N GLY A 69 -12.77 -17.96 -12.21
CA GLY A 69 -12.53 -18.36 -13.59
C GLY A 69 -13.53 -17.69 -14.53
N ASP A 70 -14.80 -17.67 -14.12
CA ASP A 70 -15.83 -17.01 -14.94
C ASP A 70 -15.63 -15.48 -15.01
N ALA A 71 -15.27 -14.87 -13.89
CA ALA A 71 -15.08 -13.42 -13.87
C ALA A 71 -13.96 -13.00 -14.80
N LEU A 72 -12.83 -13.70 -14.71
CA LEU A 72 -11.68 -13.35 -15.53
C LEU A 72 -11.93 -13.67 -17.00
N ASP A 73 -12.68 -14.74 -17.26
CA ASP A 73 -13.04 -15.08 -18.64
C ASP A 73 -13.75 -13.91 -19.31
N GLU A 74 -14.66 -13.29 -18.57
CA GLU A 74 -15.47 -12.20 -19.10
C GLU A 74 -14.69 -10.90 -19.22
N ILE A 75 -13.86 -10.62 -18.23
CA ILE A 75 -13.20 -9.33 -18.11
CA ILE A 75 -13.20 -9.33 -18.12
C ILE A 75 -11.87 -9.26 -18.89
N CYS A 76 -11.12 -10.35 -18.89
CA CYS A 76 -9.80 -10.36 -19.50
C CYS A 76 -9.78 -10.66 -20.98
N THR A 77 -8.77 -10.15 -21.65
CA THR A 77 -8.45 -10.54 -23.01
C THR A 77 -7.01 -11.02 -23.06
N SER A 78 -6.55 -11.37 -24.25
CA SER A 78 -5.20 -11.87 -24.41
C SER A 78 -4.15 -10.77 -24.13
N GLU A 79 -4.54 -9.51 -24.26
CA GLU A 79 -3.59 -8.41 -24.02
C GLU A 79 -3.57 -7.97 -22.54
N THR A 80 -4.39 -8.61 -21.72
CA THR A 80 -4.50 -8.20 -20.32
C THR A 80 -3.26 -8.55 -19.53
N LEU A 81 -2.85 -7.60 -18.68
CA LEU A 81 -1.93 -7.89 -17.59
C LEU A 81 -2.76 -8.10 -16.32
N LEU A 82 -2.79 -9.34 -15.85
CA LEU A 82 -3.57 -9.70 -14.67
C LEU A 82 -2.70 -9.56 -13.43
N VAL A 83 -3.11 -8.67 -12.54
CA VAL A 83 -2.40 -8.35 -11.29
C VAL A 83 -3.13 -8.98 -10.12
N VAL A 84 -2.41 -9.80 -9.37
CA VAL A 84 -3.01 -10.50 -8.23
C VAL A 84 -2.25 -10.16 -6.96
N PRO A 85 -2.78 -9.23 -6.16
CA PRO A 85 -2.09 -8.94 -4.89
C PRO A 85 -2.07 -10.15 -3.96
N THR A 86 -0.96 -10.34 -3.25
CA THR A 86 -0.81 -11.47 -2.32
C THR A 86 0.42 -11.21 -1.46
N PRO A 87 0.36 -11.62 -0.18
CA PRO A 87 1.54 -11.40 0.66
C PRO A 87 2.69 -12.31 0.25
N ALA A 88 2.41 -13.29 -0.60
CA ALA A 88 3.45 -14.17 -1.11
C ALA A 88 3.88 -13.81 -2.53
N GLY A 89 3.61 -12.57 -2.95
CA GLY A 89 3.92 -12.17 -4.31
C GLY A 89 5.35 -11.70 -4.52
N TYR A 90 5.73 -11.55 -5.79
CA TYR A 90 6.95 -10.82 -6.16
C TYR A 90 6.79 -9.38 -5.68
N PRO A 91 7.90 -8.71 -5.38
CA PRO A 91 7.75 -7.35 -4.84
C PRO A 91 7.33 -6.32 -5.89
N PHE A 92 6.29 -5.58 -5.58
CA PHE A 92 5.88 -4.42 -6.37
C PHE A 92 6.72 -3.23 -5.95
N THR A 93 7.47 -2.67 -6.90
CA THR A 93 8.32 -1.51 -6.65
C THR A 93 8.08 -0.41 -7.69
N GLN A 94 8.81 0.69 -7.57
CA GLN A 94 8.65 1.77 -8.53
C GLN A 94 9.03 1.33 -9.94
N GLU A 95 9.99 0.41 -10.05
CA GLU A 95 10.35 -0.15 -11.34
C GLU A 95 9.15 -0.85 -11.96
N THR A 96 8.42 -1.60 -11.14
CA THR A 96 7.20 -2.27 -11.59
C THR A 96 6.16 -1.25 -12.04
N ALA A 97 5.98 -0.20 -11.24
CA ALA A 97 5.00 0.83 -11.53
C ALA A 97 5.28 1.46 -12.90
N TRP A 98 6.55 1.75 -13.17
CA TRP A 98 6.95 2.33 -14.46
C TRP A 98 6.61 1.38 -15.60
N GLN A 99 6.97 0.11 -15.44
CA GLN A 99 6.64 -0.91 -16.44
C GLN A 99 5.14 -0.99 -16.74
N TRP A 100 4.31 -1.06 -15.69
CA TRP A 100 2.88 -1.24 -15.90
C TRP A 100 2.20 0.03 -16.40
N SER A 101 2.86 1.18 -16.26
CA SER A 101 2.27 2.44 -16.70
C SER A 101 2.10 2.51 -18.21
N THR A 102 2.74 1.59 -18.92
CA THR A 102 2.66 1.58 -20.38
C THR A 102 1.71 0.51 -20.89
N GLU A 103 1.07 -0.19 -19.98
CA GLU A 103 0.10 -1.25 -20.34
C GLU A 103 -1.24 -0.67 -20.80
N ASP A 104 -1.93 -1.37 -21.68
CA ASP A 104 -3.23 -0.91 -22.14
C ASP A 104 -4.38 -1.39 -21.25
N HIS A 105 -4.19 -2.51 -20.58
CA HIS A 105 -5.28 -3.12 -19.81
C HIS A 105 -4.77 -3.87 -18.59
N LEU A 106 -5.02 -3.32 -17.41
CA LEU A 106 -4.72 -3.98 -16.15
C LEU A 106 -6.00 -4.51 -15.55
N VAL A 107 -5.97 -5.77 -15.12
CA VAL A 107 -7.06 -6.32 -14.33
C VAL A 107 -6.49 -6.70 -12.98
N ILE A 108 -7.11 -6.18 -11.92
CA ILE A 108 -6.62 -6.47 -10.58
C ILE A 108 -7.62 -7.35 -9.84
N ALA A 109 -7.18 -8.58 -9.56
CA ALA A 109 -8.02 -9.56 -8.85
C ALA A 109 -7.78 -9.51 -7.36
N CYS A 110 -8.72 -8.95 -6.62
CA CYS A 110 -8.56 -8.77 -5.17
C CYS A 110 -9.13 -9.93 -4.39
N GLY A 111 -8.24 -10.63 -3.70
CA GLY A 111 -8.64 -11.73 -2.87
C GLY A 111 -9.10 -11.26 -1.51
N ARG A 112 -9.80 -12.15 -0.82
CA ARG A 112 -10.17 -11.98 0.57
C ARG A 112 -10.03 -13.33 1.23
N TYR A 113 -10.60 -13.48 2.44
CA TYR A 113 -10.44 -14.72 3.19
C TYR A 113 -8.96 -15.02 3.29
N GLU A 114 -8.54 -16.24 2.96
CA GLU A 114 -7.11 -16.55 3.03
C GLU A 114 -6.43 -16.65 1.66
N GLY A 115 -7.06 -16.08 0.63
CA GLY A 115 -6.46 -16.08 -0.69
C GLY A 115 -7.29 -16.83 -1.71
N ILE A 116 -6.76 -16.93 -2.92
CA ILE A 116 -7.47 -17.50 -4.08
C ILE A 116 -6.86 -18.83 -4.47
N ASP A 117 -7.69 -19.82 -4.75
CA ASP A 117 -7.23 -21.10 -5.29
C ASP A 117 -6.16 -20.87 -6.38
N GLN A 118 -5.01 -21.53 -6.23
CA GLN A 118 -3.88 -21.26 -7.11
C GLN A 118 -4.16 -21.54 -8.58
N ARG A 119 -5.15 -22.38 -8.88
CA ARG A 119 -5.40 -22.75 -10.26
C ARG A 119 -5.98 -21.59 -11.06
N VAL A 120 -6.55 -20.60 -10.37
CA VAL A 120 -7.05 -19.42 -11.07
C VAL A 120 -5.90 -18.72 -11.80
N ALA A 121 -4.82 -18.41 -11.08
CA ALA A 121 -3.65 -17.79 -11.69
C ALA A 121 -2.97 -18.72 -12.68
N ASP A 122 -2.82 -19.99 -12.31
CA ASP A 122 -2.14 -20.95 -13.17
C ASP A 122 -2.87 -21.09 -14.51
N ASP A 123 -4.18 -21.18 -14.48
CA ASP A 123 -4.94 -21.28 -15.72
C ASP A 123 -4.84 -20.00 -16.53
N ALA A 124 -4.98 -18.86 -15.85
CA ALA A 124 -4.97 -17.59 -16.55
C ALA A 124 -3.64 -17.38 -17.25
N ALA A 125 -2.58 -17.87 -16.62
CA ALA A 125 -1.22 -17.67 -17.13
C ALA A 125 -1.00 -18.44 -18.43
N THR A 126 -1.90 -19.35 -18.77
CA THR A 126 -1.76 -20.03 -20.07
C THR A 126 -2.31 -19.19 -21.24
N ARG A 127 -2.92 -18.04 -20.97
CA ARG A 127 -3.34 -17.21 -22.10
C ARG A 127 -3.18 -15.71 -21.89
N MET A 128 -2.65 -15.31 -20.74
CA MET A 128 -2.30 -13.90 -20.53
C MET A 128 -1.11 -13.81 -19.57
N ARG A 129 -0.56 -12.62 -19.43
CA ARG A 129 0.53 -12.40 -18.48
C ARG A 129 -0.08 -12.20 -17.09
N VAL A 130 0.46 -12.91 -16.11
CA VAL A 130 -0.05 -12.84 -14.75
C VAL A 130 1.07 -12.41 -13.81
N ARG A 131 0.75 -11.51 -12.90
CA ARG A 131 1.72 -11.00 -11.94
C ARG A 131 1.17 -11.07 -10.53
N GLU A 132 1.63 -12.04 -9.75
CA GLU A 132 1.30 -12.10 -8.35
C GLU A 132 2.29 -11.19 -7.62
N VAL A 133 1.78 -10.19 -6.93
CA VAL A 133 2.68 -9.19 -6.34
C VAL A 133 2.30 -8.80 -4.93
N SER A 134 3.33 -8.46 -4.16
CA SER A 134 3.16 -7.96 -2.80
CA SER A 134 3.13 -7.95 -2.81
C SER A 134 3.58 -6.50 -2.73
N ILE A 135 2.84 -5.68 -1.98
CA ILE A 135 3.20 -4.27 -1.86
C ILE A 135 4.06 -3.97 -0.63
N GLY A 136 4.36 -5.00 0.15
CA GLY A 136 5.20 -4.81 1.32
C GLY A 136 5.15 -6.00 2.26
N ASP A 137 6.08 -6.04 3.20
CA ASP A 137 6.22 -7.22 4.05
C ASP A 137 5.33 -7.16 5.29
N TYR A 138 4.03 -7.10 5.05
CA TYR A 138 3.02 -7.08 6.10
C TYR A 138 1.82 -7.75 5.49
N VAL A 139 0.89 -8.19 6.34
CA VAL A 139 -0.30 -8.88 5.88
C VAL A 139 -1.53 -8.01 6.03
N LEU A 140 -2.26 -7.84 4.93
CA LEU A 140 -3.52 -7.10 4.89
C LEU A 140 -4.67 -8.08 5.09
N ASN A 141 -5.90 -7.58 5.10
CA ASN A 141 -7.07 -8.45 5.19
C ASN A 141 -7.54 -8.92 3.82
N GLY A 142 -7.07 -8.26 2.77
CA GLY A 142 -7.47 -8.62 1.41
C GLY A 142 -6.71 -7.77 0.42
N GLY A 143 -6.98 -7.96 -0.87
CA GLY A 143 -6.19 -7.27 -1.88
C GLY A 143 -6.59 -5.83 -2.19
N GLU A 144 -7.69 -5.35 -1.63
CA GLU A 144 -8.23 -4.05 -2.04
C GLU A 144 -7.30 -2.89 -1.69
N ALA A 145 -6.75 -2.88 -0.48
CA ALA A 145 -5.81 -1.81 -0.15
C ALA A 145 -4.57 -1.85 -1.05
N ALA A 146 -4.13 -3.05 -1.41
CA ALA A 146 -3.03 -3.22 -2.35
C ALA A 146 -3.39 -2.71 -3.73
N ALA A 147 -4.64 -2.93 -4.16
CA ALA A 147 -5.10 -2.40 -5.43
C ALA A 147 -5.06 -0.88 -5.43
N LEU A 148 -5.49 -0.26 -4.33
CA LEU A 148 -5.43 1.20 -4.20
C LEU A 148 -4.02 1.72 -4.37
N VAL A 149 -3.08 1.06 -3.70
CA VAL A 149 -1.69 1.44 -3.77
C VAL A 149 -1.13 1.30 -5.19
N ILE A 150 -1.45 0.18 -5.82
CA ILE A 150 -0.93 -0.09 -7.16
C ILE A 150 -1.51 0.89 -8.17
N ILE A 151 -2.81 1.15 -8.06
CA ILE A 151 -3.42 2.08 -8.98
C ILE A 151 -2.82 3.47 -8.83
N GLU A 152 -2.62 3.93 -7.60
CA GLU A 152 -2.05 5.25 -7.37
C GLU A 152 -0.63 5.34 -7.90
N ALA A 153 0.20 4.34 -7.60
CA ALA A 153 1.60 4.37 -7.99
C ALA A 153 1.75 4.32 -9.51
N VAL A 154 0.90 3.56 -10.17
CA VAL A 154 0.97 3.41 -11.62
C VAL A 154 0.43 4.66 -12.33
N LEU A 155 -0.72 5.14 -11.88
CA LEU A 155 -1.40 6.20 -12.64
C LEU A 155 -0.72 7.55 -12.51
N ARG A 156 0.08 7.74 -11.46
CA ARG A 156 0.73 9.04 -11.36
C ARG A 156 1.90 9.11 -12.34
N LEU A 157 2.22 7.97 -12.95
CA LEU A 157 3.29 7.88 -13.94
C LEU A 157 2.73 7.96 -15.36
N VAL A 158 1.41 7.87 -15.48
CA VAL A 158 0.76 8.06 -16.78
C VAL A 158 0.52 9.55 -16.95
N PRO A 159 1.14 10.14 -17.98
CA PRO A 159 1.08 11.58 -18.20
C PRO A 159 -0.36 12.11 -18.21
N GLY A 160 -0.65 13.11 -17.36
CA GLY A 160 -1.95 13.76 -17.37
C GLY A 160 -3.07 13.03 -16.64
N VAL A 161 -2.71 12.06 -15.80
CA VAL A 161 -3.71 11.36 -14.98
C VAL A 161 -3.50 11.64 -13.48
N ALA A 178 15.39 7.28 -6.40
CA ALA A 178 16.36 6.60 -7.26
C ALA A 178 17.67 6.38 -6.52
N SER A 179 17.84 5.15 -6.02
CA SER A 179 19.03 4.69 -5.29
C SER A 179 19.15 5.27 -3.86
N LEU A 180 18.79 6.53 -3.68
CA LEU A 180 18.85 7.15 -2.35
C LEU A 180 17.47 7.64 -1.88
N LEU A 181 17.31 7.79 -0.57
CA LEU A 181 16.07 8.34 -0.02
C LEU A 181 16.06 9.87 -0.16
N GLU A 182 14.89 10.45 -0.38
CA GLU A 182 14.80 11.91 -0.48
C GLU A 182 15.05 12.56 0.88
N GLY A 183 15.68 13.72 0.86
CA GLY A 183 15.96 14.46 2.07
C GLY A 183 14.78 15.30 2.53
N PRO A 184 14.97 16.11 3.59
CA PRO A 184 13.91 16.94 4.15
C PRO A 184 13.55 18.12 3.26
N SER A 185 12.28 18.52 3.31
CA SER A 185 11.82 19.70 2.61
C SER A 185 11.39 20.77 3.62
N TYR A 186 11.50 22.03 3.21
CA TYR A 186 11.10 23.16 4.06
C TYR A 186 10.36 24.22 3.27
N THR A 187 9.48 24.94 3.96
CA THR A 187 8.86 26.12 3.35
C THR A 187 8.69 27.19 4.43
N ARG A 188 8.01 28.30 4.12
CA ARG A 188 7.82 29.37 5.08
C ARG A 188 6.96 28.89 6.27
N PRO A 189 7.16 29.47 7.46
CA PRO A 189 8.06 30.59 7.79
C PRO A 189 9.51 30.16 7.97
N PRO A 190 10.46 31.10 7.89
CA PRO A 190 11.88 30.75 8.03
C PRO A 190 12.20 30.24 9.43
N SER A 191 11.40 30.67 10.41
CA SER A 191 11.56 30.21 11.79
CA SER A 191 11.56 30.23 11.80
C SER A 191 10.21 29.82 12.36
N TRP A 192 10.15 28.64 12.98
CA TRP A 192 8.89 28.10 13.49
C TRP A 192 9.15 27.22 14.70
N ARG A 193 8.53 27.58 15.83
CA ARG A 193 8.72 26.87 17.09
C ARG A 193 10.20 26.67 17.41
N GLY A 194 10.99 27.71 17.17
CA GLY A 194 12.40 27.70 17.51
C GLY A 194 13.26 26.94 16.54
N MET A 195 12.66 26.51 15.42
CA MET A 195 13.38 25.77 14.40
C MET A 195 13.55 26.56 13.12
N ASP A 196 14.80 26.83 12.74
CA ASP A 196 15.10 27.60 11.55
C ASP A 196 15.28 26.68 10.34
N VAL A 197 14.79 27.13 9.19
CA VAL A 197 15.12 26.46 7.94
C VAL A 197 16.62 26.54 7.75
N PRO A 198 17.25 25.43 7.33
CA PRO A 198 18.70 25.42 7.11
C PRO A 198 19.14 26.60 6.26
N PRO A 199 20.01 27.46 6.80
CA PRO A 199 20.45 28.68 6.12
C PRO A 199 20.96 28.47 4.71
N VAL A 200 21.59 27.33 4.44
CA VAL A 200 22.11 27.04 3.10
C VAL A 200 21.01 27.16 2.04
N LEU A 201 19.76 26.82 2.40
CA LEU A 201 18.67 26.83 1.41
C LEU A 201 18.32 28.26 1.01
N LEU A 202 18.74 29.23 1.80
CA LEU A 202 18.47 30.63 1.51
C LEU A 202 19.70 31.36 0.96
N SER A 203 20.72 30.59 0.61
CA SER A 203 22.02 31.18 0.30
C SER A 203 22.17 31.67 -1.15
N GLY A 204 21.29 31.20 -2.04
CA GLY A 204 21.44 31.49 -3.45
C GLY A 204 22.70 30.90 -4.07
N ASP A 205 23.32 29.93 -3.38
CA ASP A 205 24.45 29.20 -3.95
C ASP A 205 23.91 27.85 -4.38
N HIS A 206 23.45 27.77 -5.63
CA HIS A 206 22.64 26.62 -5.98
C HIS A 206 23.45 25.34 -6.13
N ALA A 207 24.75 25.45 -6.43
CA ALA A 207 25.60 24.26 -6.43
C ALA A 207 25.76 23.72 -5.01
N LYS A 208 25.94 24.64 -4.06
CA LYS A 208 26.09 24.25 -2.67
C LYS A 208 24.81 23.60 -2.13
N ILE A 209 23.67 24.19 -2.48
CA ILE A 209 22.38 23.63 -2.08
C ILE A 209 22.23 22.20 -2.58
N ALA A 210 22.60 21.97 -3.83
CA ALA A 210 22.49 20.63 -4.39
C ALA A 210 23.39 19.64 -3.62
N ALA A 211 24.60 20.07 -3.28
CA ALA A 211 25.50 19.22 -2.51
C ALA A 211 24.97 18.96 -1.10
N TRP A 212 24.38 19.96 -0.47
CA TRP A 212 23.80 19.80 0.86
C TRP A 212 22.66 18.79 0.82
N ARG A 213 21.83 18.89 -0.21
CA ARG A 213 20.71 17.97 -0.34
C ARG A 213 21.19 16.54 -0.58
N ALA A 214 22.23 16.38 -1.39
CA ALA A 214 22.83 15.07 -1.59
C ALA A 214 23.33 14.46 -0.27
N GLU A 215 23.96 15.26 0.58
CA GLU A 215 24.45 14.74 1.86
C GLU A 215 23.30 14.38 2.79
N GLN A 216 22.23 15.16 2.78
CA GLN A 216 21.07 14.84 3.60
C GLN A 216 20.48 13.50 3.17
N SER A 217 20.43 13.30 1.85
CA SER A 217 19.93 12.07 1.26
CA SER A 217 19.92 12.06 1.28
C SER A 217 20.78 10.87 1.68
N ARG A 218 22.10 11.02 1.55
CA ARG A 218 23.01 9.97 1.97
C ARG A 218 22.87 9.64 3.45
N GLN A 219 22.82 10.66 4.31
CA GLN A 219 22.71 10.45 5.75
C GLN A 219 21.40 9.76 6.10
N ARG A 220 20.32 10.20 5.47
CA ARG A 220 19.03 9.60 5.77
C ARG A 220 18.98 8.15 5.29
N THR A 221 19.66 7.85 4.20
CA THR A 221 19.63 6.50 3.65
C THR A 221 20.43 5.57 4.56
N ILE A 222 21.58 6.04 5.03
CA ILE A 222 22.39 5.26 5.98
C ILE A 222 21.60 4.91 7.24
N GLU A 223 20.85 5.89 7.74
CA GLU A 223 20.11 5.76 8.98
C GLU A 223 18.87 4.88 8.86
N ARG A 224 18.15 5.02 7.75
CA ARG A 224 16.84 4.40 7.61
C ARG A 224 16.81 3.18 6.71
N ARG A 225 17.67 3.16 5.70
CA ARG A 225 17.64 2.11 4.69
C ARG A 225 19.04 1.72 4.23
N PRO A 226 19.89 1.27 5.16
CA PRO A 226 21.29 0.94 4.81
C PRO A 226 21.38 -0.07 3.66
N ASP A 227 20.34 -0.89 3.51
CA ASP A 227 20.29 -1.89 2.45
C ASP A 227 20.43 -1.27 1.06
N LEU A 228 20.03 0.00 0.93
CA LEU A 228 20.06 0.65 -0.38
C LEU A 228 21.48 1.09 -0.80
N LEU A 229 22.43 0.94 0.11
CA LEU A 229 23.81 1.38 -0.14
C LEU A 229 24.78 0.21 -0.20
N SER B 2 -8.70 -2.09 22.70
CA SER B 2 -9.08 -0.68 22.75
C SER B 2 -7.97 0.22 22.18
N MET B 3 -8.24 0.82 21.03
CA MET B 3 -7.30 1.71 20.37
C MET B 3 -8.06 2.86 19.71
N LYS B 4 -7.47 4.07 19.74
CA LYS B 4 -8.03 5.19 19.01
C LYS B 4 -7.10 5.55 17.87
N ILE B 5 -7.64 5.69 16.67
CA ILE B 5 -6.83 6.15 15.54
C ILE B 5 -7.43 7.42 14.95
N ASP B 6 -6.64 8.48 14.97
CA ASP B 6 -6.99 9.74 14.33
C ASP B 6 -6.21 9.88 13.03
N VAL B 7 -6.91 10.15 11.92
CA VAL B 7 -6.25 10.35 10.64
C VAL B 7 -6.45 11.80 10.19
N VAL B 8 -5.37 12.52 9.93
CA VAL B 8 -5.47 13.92 9.51
C VAL B 8 -5.07 14.07 8.04
N THR B 9 -5.93 14.70 7.24
CA THR B 9 -5.77 14.67 5.80
C THR B 9 -6.48 15.87 5.17
N ILE B 10 -6.04 16.29 3.99
CA ILE B 10 -6.81 17.30 3.28
C ILE B 10 -7.85 16.65 2.37
N PHE B 11 -7.87 15.31 2.35
CA PHE B 11 -8.86 14.57 1.58
C PHE B 11 -9.59 13.53 2.44
N PRO B 12 -10.41 13.97 3.41
CA PRO B 12 -11.08 13.05 4.33
C PRO B 12 -11.96 12.00 3.63
N GLU B 13 -12.49 12.31 2.46
CA GLU B 13 -13.35 11.38 1.73
C GLU B 13 -12.60 10.10 1.37
N TYR B 14 -11.30 10.23 1.15
CA TYR B 14 -10.47 9.09 0.74
C TYR B 14 -10.46 7.98 1.79
N LEU B 15 -10.75 8.32 3.04
CA LEU B 15 -10.59 7.38 4.15
C LEU B 15 -11.84 6.55 4.43
N GLN B 16 -12.87 6.74 3.62
CA GLN B 16 -14.11 5.98 3.76
C GLN B 16 -14.00 4.44 3.73
N PRO B 17 -13.01 3.88 2.99
CA PRO B 17 -12.91 2.42 3.03
C PRO B 17 -12.54 1.82 4.40
N VAL B 18 -12.19 2.65 5.38
CA VAL B 18 -11.76 2.17 6.70
C VAL B 18 -12.83 1.34 7.40
N GLY B 30 -16.43 -2.03 18.77
CA GLY B 30 -16.05 -1.07 19.79
C GLY B 30 -14.64 -1.30 20.34
N LEU B 31 -13.88 -2.17 19.68
CA LEU B 31 -12.51 -2.43 20.09
C LEU B 31 -11.58 -1.33 19.57
N VAL B 32 -12.07 -0.57 18.60
CA VAL B 32 -11.30 0.50 18.01
C VAL B 32 -12.22 1.62 17.53
N ASP B 33 -11.75 2.86 17.68
CA ASP B 33 -12.44 4.01 17.12
C ASP B 33 -11.51 4.69 16.12
N VAL B 34 -12.02 4.97 14.93
CA VAL B 34 -11.22 5.61 13.89
C VAL B 34 -11.87 6.92 13.47
N ALA B 35 -11.20 8.04 13.74
CA ALA B 35 -11.71 9.36 13.41
C ALA B 35 -10.87 10.00 12.31
N VAL B 36 -11.52 10.68 11.40
CA VAL B 36 -10.85 11.32 10.28
C VAL B 36 -11.08 12.83 10.31
N HIS B 37 -9.99 13.59 10.26
CA HIS B 37 -10.05 15.03 10.39
C HIS B 37 -9.55 15.75 9.15
N ASP B 38 -10.29 16.78 8.74
CA ASP B 38 -9.91 17.62 7.60
C ASP B 38 -8.89 18.64 8.07
N LEU B 39 -7.67 18.55 7.57
CA LEU B 39 -6.60 19.45 7.98
C LEU B 39 -7.00 20.92 7.82
N ARG B 40 -7.81 21.21 6.82
CA ARG B 40 -8.15 22.60 6.49
C ARG B 40 -8.97 23.27 7.58
N ARG B 41 -9.51 22.46 8.50
CA ARG B 41 -10.22 22.99 9.68
C ARG B 41 -9.33 23.88 10.54
N TRP B 42 -8.03 23.70 10.43
CA TRP B 42 -7.12 24.48 11.26
C TRP B 42 -6.48 25.67 10.52
N THR B 43 -7.04 26.01 9.36
CA THR B 43 -6.58 27.20 8.63
C THR B 43 -7.39 28.43 9.06
N HIS B 44 -6.95 29.62 8.66
CA HIS B 44 -7.61 30.86 9.08
C HIS B 44 -7.98 31.77 7.91
N ASP B 45 -7.31 31.60 6.77
CA ASP B 45 -7.60 32.41 5.59
C ASP B 45 -8.78 31.83 4.81
N VAL B 46 -9.34 32.62 3.90
CA VAL B 46 -10.49 32.19 3.11
C VAL B 46 -10.05 31.26 1.98
N HIS B 47 -8.77 31.31 1.64
CA HIS B 47 -8.21 30.42 0.62
C HIS B 47 -7.87 29.07 1.22
N LYS B 48 -7.81 29.02 2.56
CA LYS B 48 -7.49 27.80 3.31
C LYS B 48 -6.20 27.15 2.80
N SER B 49 -5.18 27.98 2.64
CA SER B 49 -3.91 27.55 2.04
C SER B 49 -3.07 26.70 3.00
N VAL B 50 -2.74 25.48 2.57
CA VAL B 50 -1.95 24.61 3.41
C VAL B 50 -0.55 24.37 2.81
N ASP B 51 -0.33 24.86 1.60
CA ASP B 51 0.94 24.60 0.89
C ASP B 51 1.68 25.87 0.50
N ASP B 52 2.98 25.73 0.24
CA ASP B 52 3.81 26.84 -0.18
C ASP B 52 5.01 26.28 -0.94
N SER B 53 5.71 27.12 -1.70
CA SER B 53 6.85 26.66 -2.49
C SER B 53 8.07 26.35 -1.61
N PRO B 54 8.91 25.39 -2.03
CA PRO B 54 10.01 24.95 -1.18
C PRO B 54 11.16 25.92 -1.10
N TYR B 55 11.70 26.08 0.10
CA TYR B 55 12.97 26.77 0.26
C TYR B 55 14.07 26.01 -0.46
N GLY B 56 14.96 26.72 -1.13
CA GLY B 56 16.07 26.09 -1.83
C GLY B 56 15.73 25.66 -3.24
N GLY B 57 14.45 25.79 -3.60
CA GLY B 57 14.01 25.45 -4.95
C GLY B 57 13.55 24.02 -5.12
N GLY B 58 13.04 23.74 -6.31
CA GLY B 58 12.60 22.39 -6.62
C GLY B 58 11.18 22.44 -7.11
N PRO B 59 10.69 21.30 -7.61
CA PRO B 59 9.34 21.20 -8.17
C PRO B 59 8.27 21.04 -7.10
N GLY B 60 7.06 21.48 -7.40
CA GLY B 60 5.94 21.23 -6.52
C GLY B 60 5.96 22.06 -5.26
N MET B 61 5.19 21.61 -4.27
CA MET B 61 4.92 22.41 -3.10
C MET B 61 5.09 21.59 -1.84
N VAL B 62 5.26 22.30 -0.73
CA VAL B 62 5.47 21.68 0.56
C VAL B 62 4.36 22.10 1.52
N MET B 63 3.86 21.20 2.34
CA MET B 63 2.84 21.60 3.30
C MET B 63 3.44 22.43 4.44
N LYS B 64 2.83 23.58 4.71
CA LYS B 64 3.28 24.50 5.75
C LYS B 64 3.25 23.84 7.11
N PRO B 65 4.26 24.13 7.96
CA PRO B 65 4.25 23.53 9.29
C PRO B 65 3.18 24.11 10.22
N THR B 66 2.78 25.35 9.96
CA THR B 66 1.91 26.08 10.88
C THR B 66 0.55 25.41 11.07
N VAL B 67 -0.11 25.07 9.97
CA VAL B 67 -1.39 24.39 10.02
C VAL B 67 -1.28 23.01 10.69
N TRP B 68 -0.24 22.26 10.35
CA TRP B 68 -0.03 20.96 10.98
C TRP B 68 0.19 21.06 12.48
N GLY B 69 1.04 22.00 12.89
CA GLY B 69 1.28 22.26 14.30
C GLY B 69 0.01 22.49 15.08
N ASP B 70 -0.88 23.31 14.53
CA ASP B 70 -2.16 23.60 15.18
C ASP B 70 -3.04 22.35 15.27
N ALA B 71 -3.11 21.58 14.18
CA ALA B 71 -3.94 20.39 14.17
C ALA B 71 -3.44 19.35 15.17
N LEU B 72 -2.14 19.12 15.18
CA LEU B 72 -1.57 18.08 16.03
C LEU B 72 -1.56 18.49 17.49
N ASP B 73 -1.47 19.80 17.75
CA ASP B 73 -1.59 20.30 19.12
C ASP B 73 -2.93 19.88 19.72
N GLU B 74 -3.97 19.92 18.91
CA GLU B 74 -5.33 19.64 19.39
C GLU B 74 -5.56 18.15 19.56
N ILE B 75 -5.01 17.36 18.65
CA ILE B 75 -5.33 15.93 18.58
C ILE B 75 -4.38 15.04 19.40
N CYS B 76 -3.11 15.41 19.49
CA CYS B 76 -2.13 14.56 20.15
C CYS B 76 -1.96 14.84 21.64
N THR B 77 -1.49 13.83 22.36
CA THR B 77 -0.97 13.99 23.72
C THR B 77 0.47 13.46 23.76
N SER B 78 1.12 13.51 24.92
CA SER B 78 2.50 13.02 25.03
C SER B 78 2.57 11.49 24.87
N GLU B 79 1.42 10.83 24.98
CA GLU B 79 1.35 9.37 24.90
C GLU B 79 1.04 8.89 23.49
N THR B 80 0.71 9.82 22.61
CA THR B 80 0.37 9.52 21.21
C THR B 80 1.56 8.94 20.44
N LEU B 81 1.31 7.95 19.58
CA LEU B 81 2.29 7.57 18.59
C LEU B 81 1.91 8.26 17.28
N LEU B 82 2.72 9.22 16.85
CA LEU B 82 2.47 9.95 15.61
C LEU B 82 3.10 9.21 14.44
N VAL B 83 2.28 8.78 13.49
CA VAL B 83 2.73 8.06 12.32
C VAL B 83 2.69 8.98 11.09
N VAL B 84 3.83 9.14 10.41
CA VAL B 84 3.92 10.01 9.22
C VAL B 84 4.38 9.24 8.01
N PRO B 85 3.44 8.83 7.15
CA PRO B 85 3.82 8.14 5.92
C PRO B 85 4.70 9.03 5.03
N THR B 86 5.74 8.43 4.46
CA THR B 86 6.65 9.16 3.57
C THR B 86 7.50 8.15 2.82
N PRO B 87 7.80 8.43 1.55
CA PRO B 87 8.61 7.47 0.80
C PRO B 87 10.03 7.40 1.35
N ALA B 88 10.40 8.34 2.20
CA ALA B 88 11.74 8.35 2.79
C ALA B 88 11.72 7.79 4.22
N GLY B 89 10.63 7.13 4.60
CA GLY B 89 10.51 6.64 5.97
C GLY B 89 11.25 5.36 6.25
N TYR B 90 11.34 5.01 7.54
CA TYR B 90 11.76 3.68 7.96
C TYR B 90 10.74 2.69 7.43
N PRO B 91 11.15 1.47 7.08
CA PRO B 91 10.18 0.49 6.56
C PRO B 91 9.12 0.06 7.56
N PHE B 92 7.86 0.13 7.13
CA PHE B 92 6.77 -0.43 7.91
C PHE B 92 6.66 -1.90 7.53
N THR B 93 6.80 -2.80 8.51
CA THR B 93 6.75 -4.23 8.27
C THR B 93 5.79 -4.91 9.23
N GLN B 94 5.65 -6.23 9.09
CA GLN B 94 4.80 -6.98 10.01
C GLN B 94 5.22 -6.77 11.46
N GLU B 95 6.53 -6.69 11.69
CA GLU B 95 7.03 -6.42 13.04
C GLU B 95 6.49 -5.09 13.57
N THR B 96 6.48 -4.07 12.72
CA THR B 96 5.94 -2.77 13.09
C THR B 96 4.46 -2.86 13.43
N ALA B 97 3.73 -3.63 12.63
CA ALA B 97 2.30 -3.80 12.85
C ALA B 97 2.06 -4.45 14.22
N TRP B 98 2.84 -5.47 14.55
CA TRP B 98 2.71 -6.11 15.86
C TRP B 98 2.99 -5.10 16.97
N GLN B 99 4.02 -4.30 16.77
CA GLN B 99 4.39 -3.32 17.78
C GLN B 99 3.28 -2.29 18.00
N TRP B 100 2.71 -1.79 16.90
CA TRP B 100 1.69 -0.74 17.03
C TRP B 100 0.34 -1.28 17.47
N SER B 101 0.15 -2.59 17.36
CA SER B 101 -1.14 -3.20 17.67
C SER B 101 -1.49 -3.08 19.16
N THR B 102 -0.49 -2.82 20.00
CA THR B 102 -0.78 -2.68 21.42
C THR B 102 -0.78 -1.21 21.87
N GLU B 103 -0.77 -0.27 20.93
CA GLU B 103 -0.82 1.16 21.25
C GLU B 103 -2.23 1.65 21.55
N ASP B 104 -2.33 2.64 22.44
CA ASP B 104 -3.60 3.25 22.83
C ASP B 104 -4.10 4.27 21.81
N HIS B 105 -3.16 4.99 21.20
CA HIS B 105 -3.52 6.14 20.37
C HIS B 105 -2.55 6.33 19.23
N LEU B 106 -3.02 6.09 18.00
CA LEU B 106 -2.27 6.39 16.79
C LEU B 106 -2.85 7.61 16.13
N VAL B 107 -1.98 8.53 15.73
CA VAL B 107 -2.39 9.64 14.89
C VAL B 107 -1.62 9.56 13.59
N ILE B 108 -2.33 9.49 12.47
CA ILE B 108 -1.67 9.38 11.18
C ILE B 108 -1.77 10.67 10.39
N ALA B 109 -0.62 11.33 10.21
CA ALA B 109 -0.56 12.59 9.49
C ALA B 109 -0.29 12.35 8.01
N CYS B 110 -1.33 12.53 7.20
CA CYS B 110 -1.26 12.24 5.77
C CYS B 110 -0.85 13.47 5.00
N GLY B 111 0.29 13.40 4.32
CA GLY B 111 0.73 14.49 3.49
C GLY B 111 0.17 14.42 2.08
N ARG B 112 0.22 15.55 1.39
CA ARG B 112 -0.08 15.64 -0.03
C ARG B 112 0.97 16.57 -0.64
N TYR B 113 0.75 17.03 -1.88
CA TYR B 113 1.76 17.81 -2.60
C TYR B 113 3.07 17.02 -2.66
N GLU B 114 4.20 17.65 -2.32
CA GLU B 114 5.48 16.96 -2.30
C GLU B 114 5.91 16.59 -0.89
N GLY B 115 4.97 16.68 0.06
CA GLY B 115 5.27 16.31 1.44
C GLY B 115 5.09 17.44 2.44
N ILE B 116 5.49 17.16 3.68
CA ILE B 116 5.29 18.07 4.81
C ILE B 116 6.62 18.64 5.26
N ASP B 117 6.63 19.93 5.58
CA ASP B 117 7.80 20.59 6.16
C ASP B 117 8.39 19.74 7.28
N GLN B 118 9.69 19.46 7.19
CA GLN B 118 10.34 18.53 8.11
C GLN B 118 10.20 18.95 9.58
N ARG B 119 10.00 20.24 9.83
CA ARG B 119 9.91 20.69 11.23
C ARG B 119 8.66 20.17 11.95
N VAL B 120 7.63 19.77 11.22
CA VAL B 120 6.43 19.23 11.85
C VAL B 120 6.81 17.98 12.65
N ALA B 121 7.49 17.04 11.99
CA ALA B 121 7.89 15.81 12.66
C ALA B 121 8.98 16.08 13.71
N ASP B 122 9.93 16.95 13.38
CA ASP B 122 11.03 17.22 14.30
C ASP B 122 10.52 17.87 15.58
N ASP B 123 9.61 18.83 15.44
CA ASP B 123 8.99 19.49 16.61
C ASP B 123 8.15 18.51 17.41
N ALA B 124 7.34 17.71 16.71
CA ALA B 124 6.47 16.76 17.39
C ALA B 124 7.27 15.80 18.25
N ALA B 125 8.46 15.43 17.77
CA ALA B 125 9.28 14.44 18.46
C ALA B 125 9.85 14.96 19.78
N THR B 126 9.74 16.27 20.02
CA THR B 126 10.14 16.83 21.30
C THR B 126 9.05 16.60 22.35
N ARG B 127 7.88 16.15 21.89
CA ARG B 127 6.68 16.08 22.70
C ARG B 127 6.08 14.67 22.77
N MET B 128 6.30 13.89 21.73
CA MET B 128 5.70 12.56 21.62
C MET B 128 6.60 11.67 20.76
N ARG B 129 6.29 10.39 20.74
CA ARG B 129 6.99 9.46 19.86
C ARG B 129 6.51 9.67 18.43
N VAL B 130 7.46 9.76 17.50
CA VAL B 130 7.13 10.00 16.09
C VAL B 130 7.75 8.91 15.23
N ARG B 131 6.99 8.41 14.27
CA ARG B 131 7.49 7.36 13.38
C ARG B 131 7.26 7.74 11.92
N GLU B 132 8.31 8.18 11.24
CA GLU B 132 8.21 8.40 9.79
C GLU B 132 8.39 7.07 9.10
N VAL B 133 7.42 6.63 8.30
CA VAL B 133 7.48 5.28 7.76
C VAL B 133 7.08 5.20 6.31
N SER B 134 7.73 4.26 5.61
CA SER B 134 7.39 3.95 4.23
CA SER B 134 7.37 3.96 4.23
C SER B 134 6.66 2.60 4.18
N ILE B 135 5.63 2.47 3.36
CA ILE B 135 4.99 1.16 3.25
C ILE B 135 5.54 0.32 2.10
N GLY B 136 6.50 0.86 1.36
CA GLY B 136 7.09 0.12 0.23
C GLY B 136 7.86 1.03 -0.71
N ASP B 137 8.66 0.44 -1.58
CA ASP B 137 9.57 1.23 -2.41
C ASP B 137 8.89 1.67 -3.71
N TYR B 138 7.87 2.49 -3.57
CA TYR B 138 7.13 3.08 -4.68
C TYR B 138 6.59 4.40 -4.18
N VAL B 139 6.20 5.29 -5.10
CA VAL B 139 5.72 6.62 -4.70
C VAL B 139 4.22 6.74 -4.93
N LEU B 140 3.51 7.05 -3.85
CA LEU B 140 2.08 7.33 -3.88
C LEU B 140 1.82 8.80 -4.19
N ASN B 141 0.53 9.16 -4.33
CA ASN B 141 0.20 10.56 -4.52
C ASN B 141 0.09 11.32 -3.19
N GLY B 142 0.08 10.60 -2.09
CA GLY B 142 -0.10 11.21 -0.78
C GLY B 142 -0.19 10.12 0.26
N GLY B 143 -0.28 10.51 1.53
CA GLY B 143 -0.24 9.54 2.61
C GLY B 143 -1.50 8.73 2.86
N GLU B 144 -2.61 9.08 2.20
CA GLU B 144 -3.89 8.47 2.53
C GLU B 144 -3.95 6.96 2.23
N ALA B 145 -3.43 6.53 1.09
CA ALA B 145 -3.43 5.09 0.80
C ALA B 145 -2.53 4.33 1.77
N ALA B 146 -1.45 4.98 2.21
CA ALA B 146 -0.57 4.37 3.20
C ALA B 146 -1.26 4.25 4.55
N ALA B 147 -2.08 5.25 4.90
CA ALA B 147 -2.83 5.19 6.15
C ALA B 147 -3.78 3.99 6.12
N LEU B 148 -4.44 3.76 4.98
CA LEU B 148 -5.37 2.62 4.89
C LEU B 148 -4.63 1.29 5.06
N VAL B 149 -3.46 1.19 4.45
CA VAL B 149 -2.62 0.01 4.55
C VAL B 149 -2.17 -0.24 5.99
N ILE B 150 -1.66 0.81 6.64
CA ILE B 150 -1.23 0.72 8.04
C ILE B 150 -2.40 0.35 8.95
N ILE B 151 -3.55 1.02 8.78
CA ILE B 151 -4.70 0.71 9.60
C ILE B 151 -5.15 -0.75 9.43
N GLU B 152 -5.19 -1.23 8.19
CA GLU B 152 -5.56 -2.63 7.92
C GLU B 152 -4.60 -3.61 8.60
N ALA B 153 -3.30 -3.36 8.45
CA ALA B 153 -2.30 -4.31 8.93
C ALA B 153 -2.26 -4.34 10.45
N VAL B 154 -2.49 -3.19 11.08
CA VAL B 154 -2.47 -3.12 12.53
C VAL B 154 -3.76 -3.65 13.17
N LEU B 155 -4.92 -3.24 12.64
CA LEU B 155 -6.17 -3.59 13.32
C LEU B 155 -6.44 -5.09 13.34
N ARG B 156 -5.94 -5.83 12.34
CA ARG B 156 -6.20 -7.26 12.33
C ARG B 156 -5.37 -8.00 13.39
N LEU B 157 -4.44 -7.29 14.01
CA LEU B 157 -3.63 -7.88 15.08
C LEU B 157 -4.09 -7.48 16.48
N VAL B 158 -5.02 -6.54 16.55
CA VAL B 158 -5.44 -6.02 17.85
C VAL B 158 -6.13 -7.14 18.63
N PRO B 159 -5.73 -7.34 19.90
CA PRO B 159 -6.33 -8.41 20.71
C PRO B 159 -7.85 -8.32 20.72
N GLY B 160 -8.51 -9.40 20.34
CA GLY B 160 -9.95 -9.40 20.22
C GLY B 160 -10.42 -9.26 18.79
N VAL B 161 -9.48 -9.10 17.86
CA VAL B 161 -9.80 -9.01 16.44
C VAL B 161 -9.25 -10.20 15.67
N ALA B 178 6.24 -16.03 8.50
CA ALA B 178 7.05 -15.40 9.54
C ALA B 178 8.23 -14.69 8.89
N SER B 179 9.19 -15.48 8.40
CA SER B 179 10.22 -14.95 7.49
C SER B 179 10.16 -15.72 6.18
N LEU B 180 8.97 -16.20 5.84
CA LEU B 180 8.80 -17.05 4.66
C LEU B 180 7.50 -16.67 3.98
N LEU B 181 7.45 -16.88 2.67
CA LEU B 181 6.21 -16.69 1.91
C LEU B 181 5.31 -17.92 2.01
N GLU B 182 4.00 -17.70 2.09
CA GLU B 182 3.06 -18.80 2.14
C GLU B 182 2.99 -19.48 0.80
N GLY B 183 2.82 -20.80 0.78
CA GLY B 183 2.65 -21.56 -0.45
C GLY B 183 1.23 -21.44 -0.97
N PRO B 184 0.92 -22.17 -2.05
CA PRO B 184 -0.40 -22.10 -2.68
C PRO B 184 -1.50 -22.79 -1.86
N SER B 185 -2.74 -22.32 -2.05
CA SER B 185 -3.92 -22.91 -1.41
CA SER B 185 -3.90 -22.94 -1.41
C SER B 185 -4.89 -23.41 -2.47
N TYR B 186 -5.72 -24.38 -2.08
CA TYR B 186 -6.70 -24.98 -3.01
C TYR B 186 -8.01 -25.28 -2.31
N THR B 187 -9.09 -25.28 -3.07
CA THR B 187 -10.36 -25.73 -2.53
C THR B 187 -11.12 -26.48 -3.63
N ARG B 188 -12.38 -26.83 -3.37
CA ARG B 188 -13.13 -27.69 -4.32
C ARG B 188 -13.43 -26.94 -5.62
N PRO B 189 -13.56 -27.67 -6.74
CA PRO B 189 -13.51 -29.12 -6.94
C PRO B 189 -12.07 -29.64 -7.05
N PRO B 190 -11.85 -30.95 -6.83
CA PRO B 190 -10.50 -31.50 -6.89
C PRO B 190 -9.88 -31.45 -8.28
N SER B 191 -10.72 -31.43 -9.32
CA SER B 191 -10.26 -31.21 -10.68
CA SER B 191 -10.27 -31.23 -10.69
C SER B 191 -11.08 -30.09 -11.32
N TRP B 192 -10.40 -29.17 -11.99
CA TRP B 192 -11.07 -28.01 -12.59
C TRP B 192 -10.35 -27.64 -13.88
N ARG B 193 -11.08 -27.67 -15.00
CA ARG B 193 -10.48 -27.40 -16.31
C ARG B 193 -9.25 -28.27 -16.58
N GLY B 194 -9.23 -29.48 -16.02
CA GLY B 194 -8.09 -30.36 -16.22
C GLY B 194 -6.89 -30.04 -15.34
N MET B 195 -7.10 -29.19 -14.36
CA MET B 195 -6.07 -28.86 -13.38
C MET B 195 -6.42 -29.49 -12.03
N ASP B 196 -5.54 -30.35 -11.54
CA ASP B 196 -5.82 -31.08 -10.30
C ASP B 196 -5.21 -30.42 -9.08
N VAL B 197 -5.92 -30.49 -7.97
CA VAL B 197 -5.33 -30.17 -6.66
C VAL B 197 -4.21 -31.18 -6.42
N PRO B 198 -3.04 -30.73 -5.92
CA PRO B 198 -1.96 -31.68 -5.61
C PRO B 198 -2.44 -32.84 -4.75
N PRO B 199 -2.16 -34.06 -5.21
CA PRO B 199 -2.71 -35.28 -4.60
C PRO B 199 -2.45 -35.39 -3.10
N VAL B 200 -1.31 -34.91 -2.62
CA VAL B 200 -1.02 -35.01 -1.18
C VAL B 200 -2.10 -34.32 -0.36
N LEU B 201 -2.67 -33.24 -0.88
CA LEU B 201 -3.64 -32.46 -0.11
C LEU B 201 -4.95 -33.22 0.07
N LEU B 202 -5.17 -34.20 -0.79
CA LEU B 202 -6.38 -35.03 -0.70
C LEU B 202 -6.13 -36.34 0.04
N SER B 203 -4.90 -36.53 0.51
CA SER B 203 -4.46 -37.83 1.05
C SER B 203 -4.80 -38.02 2.52
N GLY B 204 -5.12 -36.95 3.24
CA GLY B 204 -5.43 -37.02 4.65
C GLY B 204 -4.24 -37.26 5.57
N ASP B 205 -3.03 -37.28 5.01
CA ASP B 205 -1.83 -37.50 5.81
C ASP B 205 -1.28 -36.18 6.33
N HIS B 206 -1.57 -35.86 7.60
CA HIS B 206 -1.25 -34.56 8.17
C HIS B 206 0.23 -34.24 8.09
N ALA B 207 1.06 -35.24 8.33
CA ALA B 207 2.51 -35.05 8.29
C ALA B 207 3.01 -34.82 6.87
N LYS B 208 2.50 -35.60 5.91
CA LYS B 208 2.88 -35.43 4.51
C LYS B 208 2.42 -34.06 3.98
N ILE B 209 1.24 -33.63 4.42
CA ILE B 209 0.69 -32.34 4.00
C ILE B 209 1.51 -31.20 4.59
N ALA B 210 1.88 -31.34 5.86
CA ALA B 210 2.68 -30.33 6.54
C ALA B 210 4.02 -30.19 5.86
N ALA B 211 4.62 -31.32 5.50
CA ALA B 211 5.92 -31.34 4.87
C ALA B 211 5.87 -30.71 3.51
N TRP B 212 4.82 -31.04 2.75
CA TRP B 212 4.66 -30.51 1.41
C TRP B 212 4.47 -28.99 1.46
N ARG B 213 3.66 -28.51 2.40
CA ARG B 213 3.40 -27.09 2.50
C ARG B 213 4.67 -26.34 2.89
N ALA B 214 5.47 -26.95 3.76
CA ALA B 214 6.72 -26.32 4.18
C ALA B 214 7.67 -26.19 2.99
N GLU B 215 7.71 -27.23 2.16
CA GLU B 215 8.55 -27.24 0.96
C GLU B 215 8.08 -26.22 -0.07
N GLN B 216 6.76 -26.17 -0.28
CA GLN B 216 6.21 -25.18 -1.19
C GLN B 216 6.53 -23.74 -0.74
N SER B 217 6.42 -23.49 0.56
CA SER B 217 6.74 -22.16 1.09
C SER B 217 8.20 -21.79 0.82
N ARG B 218 9.10 -22.74 1.06
CA ARG B 218 10.52 -22.43 0.87
C ARG B 218 10.89 -22.27 -0.61
N GLN B 219 10.28 -23.06 -1.49
CA GLN B 219 10.50 -22.92 -2.92
C GLN B 219 9.94 -21.60 -3.45
N ARG B 220 8.76 -21.20 -2.98
CA ARG B 220 8.21 -19.94 -3.42
C ARG B 220 9.07 -18.79 -2.92
N THR B 221 9.61 -18.94 -1.72
CA THR B 221 10.43 -17.89 -1.13
C THR B 221 11.74 -17.71 -1.91
N ILE B 222 12.40 -18.81 -2.26
CA ILE B 222 13.65 -18.68 -3.01
C ILE B 222 13.39 -18.13 -4.43
N GLU B 223 12.24 -18.44 -5.00
CA GLU B 223 11.88 -17.92 -6.31
C GLU B 223 11.53 -16.43 -6.30
N ARG B 224 10.72 -16.00 -5.34
CA ARG B 224 10.13 -14.66 -5.39
C ARG B 224 10.81 -13.66 -4.49
N ARG B 225 11.36 -14.13 -3.37
CA ARG B 225 11.97 -13.25 -2.39
C ARG B 225 13.23 -13.87 -1.80
N PRO B 226 14.24 -14.10 -2.65
CA PRO B 226 15.44 -14.79 -2.19
C PRO B 226 16.14 -14.03 -1.07
N ASP B 227 15.90 -12.72 -0.98
CA ASP B 227 16.49 -11.93 0.11
C ASP B 227 16.06 -12.42 1.49
N LEU B 228 14.85 -12.97 1.60
CA LEU B 228 14.35 -13.42 2.90
C LEU B 228 15.13 -14.61 3.43
N LEU B 229 15.81 -15.32 2.53
CA LEU B 229 16.61 -16.49 2.91
C LEU B 229 18.09 -16.16 2.84
N GLY B 230 18.38 -14.87 2.66
CA GLY B 230 19.76 -14.40 2.67
C GLY B 230 20.52 -14.56 1.37
N PHE B 231 19.80 -14.52 0.25
CA PHE B 231 20.45 -14.58 -1.06
C PHE B 231 20.31 -13.25 -1.80
N ASP B 232 21.14 -13.06 -2.83
CA ASP B 232 21.05 -11.86 -3.67
C ASP B 232 19.67 -11.72 -4.32
N SER B 233 19.19 -10.48 -4.41
CA SER B 233 18.00 -10.18 -5.19
C SER B 233 18.34 -10.18 -6.68
N PRO B 234 17.35 -10.50 -7.54
CA PRO B 234 17.54 -10.53 -9.00
C PRO B 234 18.11 -9.23 -9.56
C10 JDK C . -4.49 -10.33 -1.04
C13 JDK C . -6.49 -12.25 1.43
C15 JDK C . -5.41 -11.84 3.61
C17 JDK C . -3.73 -13.85 3.17
C20 JDK C . -2.30 -16.40 5.67
C22 JDK C . -0.41 -17.45 6.06
C24 JDK C . 1.47 -16.10 6.95
C26 JDK C . -0.63 -15.00 6.33
C28 JDK C . -4.65 -13.35 5.40
N01 JDK C . 1.54 -7.15 0.44
C02 JDK C . 0.32 -7.76 0.88
N03 JDK C . -0.05 -7.93 2.20
N04 JDK C . -1.29 -8.56 2.25
C05 JDK C . -1.71 -8.75 1.00
C06 JDK C . -2.94 -9.48 0.64
C07 JDK C . -3.59 -10.17 1.68
C08 JDK C . -4.72 -10.95 1.34
C09 JDK C . -5.16 -11.02 0.03
C11 JDK C . -3.35 -9.56 -0.72
C12 JDK C . -6.28 -11.86 0.06
N14 JDK C . -5.56 -11.72 2.15
C16 JDK C . -4.57 -13.04 4.09
C18 JDK C . -3.02 -14.90 3.67
C19 JDK C . -3.09 -15.23 5.07
N21 JDK C . -1.05 -16.24 5.70
C23 JDK C . 0.80 -17.36 7.01
C25 JDK C . 0.56 -15.07 7.29
C27 JDK C . -3.90 -14.45 5.92
C29 JDK C . -0.71 -8.32 0.09
C10 JDK D . 3.11 10.72 1.83
C13 JDK D . 2.95 13.37 -0.76
C15 JDK D . 3.64 12.29 -2.83
C17 JDK D . 5.42 13.14 -4.47
C20 JDK D . 9.13 13.85 -4.03
C22 JDK D . 9.90 13.01 -5.98
C24 JDK D . 10.62 10.66 -5.93
C26 JDK D . 10.48 12.02 -3.88
C28 JDK D . 6.01 12.62 -2.13
N01 JDK D . 5.82 4.35 0.94
C02 JDK D . 5.28 5.55 0.38
N03 JDK D . 5.18 5.81 -0.96
N04 JDK D . 4.63 7.07 -1.13
C05 JDK D . 4.35 7.60 0.07
C06 JDK D . 3.84 8.97 0.31
C07 JDK D . 3.86 9.88 -0.76
C08 JDK D . 3.45 11.23 -0.52
C09 JDK D . 3.10 11.65 0.75
C11 JDK D . 3.50 9.39 1.61
C12 JDK D . 2.77 13.01 0.63
N14 JDK D . 3.33 12.32 -1.39
C16 JDK D . 5.07 12.68 -3.11
C18 JDK D . 6.69 13.51 -4.75
C19 JDK D . 7.68 13.45 -3.72
N21 JDK D . 9.59 12.87 -4.62
C23 JDK D . 9.82 11.62 -6.61
C25 JDK D . 10.45 10.63 -4.50
C27 JDK D . 7.35 13.01 -2.43
C29 JDK D . 4.79 6.68 1.08
S SO4 E . 11.03 9.56 19.21
O1 SO4 E . 12.32 9.25 18.60
O2 SO4 E . 10.43 8.33 19.75
O3 SO4 E . 11.21 10.52 20.30
O4 SO4 E . 10.15 10.17 18.22
#